data_2I7T
#
_entry.id   2I7T
#
_cell.length_a   58.834
_cell.length_b   82.595
_cell.length_c   103.705
_cell.angle_alpha   90.00
_cell.angle_beta   90.00
_cell.angle_gamma   90.00
#
_symmetry.space_group_name_H-M   'P 21 21 21'
#
loop_
_entity.id
_entity.type
_entity.pdbx_description
1 polymer 'Cleavage and polyadenylation specificity factor 73 kDa subunit'
2 non-polymer 'ZINC ION'
3 non-polymer 'SULFATE ION'
4 water water
#
_entity_poly.entity_id   1
_entity_poly.type   'polypeptide(L)'
_entity_poly.pdbx_seq_one_letter_code
;MSAIPAEESDQLLIRPLGAGQEVGRSCIILEFKGRKIMLDCGIHPGLEGMDALPYIDLIDPAEIDLLLISHFHLDHCGAL
PWFLQKTSFKGRTFMTHATKAIYRWLLSDYVKVSNISADDMLYTETDLEESMDKIETINFHEVKEVAGIKFWCYHAGHVL
GAAMFMIEIAGVKLLYTGDFSRQEDRHLMAAEIPNIKPDILIIESTYGTHIHEKREEREARFCNTVHDIVNRGGRGLIPV
FALGRAQELLLILDEYWQNHPELHDIPIYYASSLAKKCMAVYQTYVNAMNDKIRKQININNPFVFKHISNLKSMDHFDDI
GPSVVMASPGMMQSGLSRELFESWCTDKRNGVIIAGYCVEGTLAKHIMSEPEEITTMSGQKLPLKMSVDYISFSAHTDYQ
QTSEFIRALKPPHVILVHGEQNEMARLKAALIREYEDNDEVHIEVHNPRNTEAVTLNFR
;
_entity_poly.pdbx_strand_id   A
#
loop_
_chem_comp.id
_chem_comp.type
_chem_comp.name
_chem_comp.formula
SO4 non-polymer 'SULFATE ION' 'O4 S -2'
ZN non-polymer 'ZINC ION' 'Zn 2'
#
# COMPACT_ATOMS: atom_id res chain seq x y z
N SER A 9 28.44 -23.09 -8.64
CA SER A 9 27.31 -22.11 -8.66
C SER A 9 26.25 -22.45 -7.60
N ASP A 10 25.66 -21.42 -7.01
CA ASP A 10 24.63 -21.59 -5.98
C ASP A 10 23.28 -21.10 -6.53
N GLN A 11 22.20 -21.78 -6.17
CA GLN A 11 20.89 -21.41 -6.68
C GLN A 11 20.05 -20.60 -5.70
N LEU A 12 19.52 -19.49 -6.20
CA LEU A 12 18.69 -18.59 -5.41
C LEU A 12 17.23 -18.69 -5.86
N LEU A 13 16.32 -18.87 -4.91
CA LEU A 13 14.92 -19.02 -5.24
C LEU A 13 14.04 -17.93 -4.61
N ILE A 14 13.19 -17.32 -5.43
CA ILE A 14 12.26 -16.26 -5.00
C ILE A 14 10.84 -16.72 -5.34
N ARG A 15 9.93 -16.67 -4.37
CA ARG A 15 8.57 -17.13 -4.61
C ARG A 15 7.50 -16.34 -3.87
N PRO A 16 6.64 -15.65 -4.62
CA PRO A 16 5.58 -14.90 -3.96
C PRO A 16 4.55 -15.86 -3.36
N LEU A 17 4.02 -15.52 -2.19
CA LEU A 17 2.98 -16.31 -1.53
C LEU A 17 1.79 -15.37 -1.46
N GLY A 18 2.08 -14.11 -1.77
CA GLY A 18 1.10 -13.05 -1.79
C GLY A 18 1.69 -11.91 -2.59
N ALA A 19 0.84 -11.17 -3.29
CA ALA A 19 1.28 -10.03 -4.11
C ALA A 19 1.88 -10.48 -5.44
N GLY A 20 1.71 -11.75 -5.78
CA GLY A 20 2.20 -12.24 -7.05
C GLY A 20 1.11 -11.92 -8.07
N GLN A 21 1.41 -11.05 -9.03
CA GLN A 21 0.44 -10.64 -10.04
C GLN A 21 -0.85 -10.08 -9.42
N GLU A 22 -0.74 -9.47 -8.25
CA GLU A 22 -1.88 -8.89 -7.55
C GLU A 22 -1.36 -7.84 -6.56
N VAL A 23 -2.25 -7.02 -6.03
CA VAL A 23 -1.89 -6.07 -5.00
C VAL A 23 -2.62 -6.62 -3.78
N GLY A 24 -1.91 -6.73 -2.65
CA GLY A 24 -2.51 -7.27 -1.45
C GLY A 24 -1.73 -8.46 -0.90
N ARG A 25 -1.79 -8.65 0.42
CA ARG A 25 -1.10 -9.73 1.12
C ARG A 25 0.34 -10.00 0.65
N SER A 26 1.15 -8.95 0.62
CA SER A 26 2.55 -9.07 0.21
C SER A 26 3.26 -10.05 1.14
N CYS A 27 3.89 -11.06 0.55
CA CYS A 27 4.61 -12.06 1.31
C CYS A 27 5.45 -12.83 0.31
N ILE A 28 6.73 -12.52 0.26
CA ILE A 28 7.63 -13.16 -0.69
C ILE A 28 8.76 -13.95 -0.04
N ILE A 29 8.93 -15.19 -0.48
CA ILE A 29 9.98 -16.06 0.06
C ILE A 29 11.26 -16.00 -0.76
N LEU A 30 12.37 -16.00 -0.04
CA LEU A 30 13.70 -15.97 -0.64
C LEU A 30 14.48 -17.12 -0.01
N GLU A 31 15.14 -17.93 -0.83
CA GLU A 31 15.91 -19.05 -0.32
C GLU A 31 17.27 -19.06 -0.98
N PHE A 32 18.31 -19.04 -0.16
CA PHE A 32 19.65 -19.04 -0.70
C PHE A 32 20.69 -19.61 0.27
N LYS A 33 21.55 -20.47 -0.27
CA LYS A 33 22.61 -21.12 0.48
C LYS A 33 22.24 -21.53 1.90
N GLY A 34 21.10 -22.21 2.04
CA GLY A 34 20.68 -22.68 3.33
C GLY A 34 19.79 -21.74 4.13
N ARG A 35 19.68 -20.49 3.71
CA ARG A 35 18.85 -19.54 4.44
C ARG A 35 17.49 -19.34 3.79
N LYS A 36 16.51 -19.00 4.61
CA LYS A 36 15.16 -18.75 4.13
C LYS A 36 14.67 -17.45 4.75
N ILE A 37 14.13 -16.58 3.91
CA ILE A 37 13.67 -15.27 4.34
C ILE A 37 12.27 -14.95 3.82
N MET A 38 11.48 -14.30 4.66
CA MET A 38 10.16 -13.89 4.25
C MET A 38 10.15 -12.36 4.19
N LEU A 39 9.65 -11.82 3.09
CA LEU A 39 9.57 -10.38 2.90
C LEU A 39 8.10 -10.00 3.01
N ASP A 40 7.77 -9.30 4.08
CA ASP A 40 6.41 -8.86 4.36
C ASP A 40 5.49 -10.04 4.67
N CYS A 41 4.35 -9.74 5.29
CA CYS A 41 3.37 -10.74 5.69
C CYS A 41 2.06 -9.99 5.94
N GLY A 42 1.38 -9.60 4.86
CA GLY A 42 0.14 -8.86 5.03
C GLY A 42 -1.09 -9.64 4.59
N ILE A 43 -2.23 -8.97 4.63
CA ILE A 43 -3.50 -9.57 4.22
C ILE A 43 -4.06 -8.83 3.02
N HIS A 44 -4.98 -9.48 2.31
CA HIS A 44 -5.61 -8.90 1.14
C HIS A 44 -6.84 -8.11 1.58
N PRO A 45 -6.80 -6.78 1.47
CA PRO A 45 -7.91 -5.91 1.86
C PRO A 45 -9.24 -6.27 1.21
N GLY A 46 -9.17 -6.99 0.09
CA GLY A 46 -10.38 -7.36 -0.62
C GLY A 46 -10.87 -8.79 -0.39
N LEU A 47 -10.33 -9.46 0.63
CA LEU A 47 -10.75 -10.83 0.93
C LEU A 47 -11.11 -11.00 2.40
N GLU A 48 -11.81 -12.08 2.71
CA GLU A 48 -12.28 -12.37 4.06
C GLU A 48 -11.54 -13.50 4.78
N GLY A 49 -11.35 -13.31 6.09
CA GLY A 49 -10.69 -14.31 6.91
C GLY A 49 -9.42 -14.96 6.40
N MET A 50 -9.37 -16.28 6.48
CA MET A 50 -8.21 -17.07 6.06
C MET A 50 -7.90 -16.96 4.57
N ASP A 51 -8.91 -16.60 3.77
CA ASP A 51 -8.73 -16.47 2.33
C ASP A 51 -7.92 -15.22 1.98
N ALA A 52 -7.87 -14.27 2.91
CA ALA A 52 -7.13 -13.02 2.72
C ALA A 52 -5.67 -13.16 3.15
N LEU A 53 -5.23 -14.39 3.37
CA LEU A 53 -3.86 -14.66 3.80
C LEU A 53 -3.00 -15.18 2.65
N PRO A 54 -1.68 -14.96 2.73
CA PRO A 54 -0.78 -15.44 1.69
C PRO A 54 -0.85 -16.97 1.76
N TYR A 55 -0.28 -17.66 0.77
CA TYR A 55 -0.32 -19.12 0.78
C TYR A 55 0.84 -19.68 1.61
N ILE A 56 0.86 -19.29 2.88
CA ILE A 56 1.89 -19.72 3.81
C ILE A 56 1.86 -21.23 4.06
N ASP A 57 0.88 -21.90 3.46
CA ASP A 57 0.75 -23.35 3.60
C ASP A 57 1.87 -24.04 2.84
N LEU A 58 2.24 -23.45 1.70
CA LEU A 58 3.28 -24.00 0.85
C LEU A 58 4.65 -24.01 1.52
N ILE A 59 4.75 -23.41 2.70
CA ILE A 59 6.01 -23.38 3.42
C ILE A 59 5.88 -23.81 4.87
N ASP A 60 7.02 -24.05 5.50
CA ASP A 60 7.05 -24.44 6.90
C ASP A 60 7.59 -23.25 7.70
N PRO A 61 6.71 -22.55 8.41
CA PRO A 61 7.10 -21.39 9.22
C PRO A 61 8.40 -21.62 9.99
N ALA A 62 8.55 -22.84 10.50
CA ALA A 62 9.72 -23.23 11.27
C ALA A 62 11.04 -23.12 10.52
N GLU A 63 10.99 -23.13 9.19
CA GLU A 63 12.23 -23.02 8.41
C GLU A 63 12.60 -21.59 8.03
N ILE A 64 11.79 -20.62 8.43
CA ILE A 64 12.07 -19.22 8.10
C ILE A 64 13.01 -18.58 9.10
N ASP A 65 14.19 -18.21 8.62
CA ASP A 65 15.21 -17.58 9.45
C ASP A 65 14.92 -16.13 9.78
N LEU A 66 14.58 -15.37 8.75
CA LEU A 66 14.34 -13.93 8.87
C LEU A 66 13.02 -13.47 8.26
N LEU A 67 12.36 -12.53 8.93
CA LEU A 67 11.12 -11.95 8.44
C LEU A 67 11.30 -10.43 8.45
N LEU A 68 11.26 -9.83 7.26
CA LEU A 68 11.43 -8.38 7.14
C LEU A 68 10.13 -7.73 6.71
N ILE A 69 9.73 -6.68 7.42
CA ILE A 69 8.50 -5.96 7.13
C ILE A 69 8.85 -4.58 6.61
N SER A 70 8.43 -4.27 5.38
CA SER A 70 8.74 -2.99 4.76
C SER A 70 8.06 -1.80 5.43
N HIS A 71 6.74 -1.89 5.62
CA HIS A 71 6.02 -0.79 6.27
C HIS A 71 4.73 -1.21 6.97
N PHE A 72 4.08 -0.24 7.62
CA PHE A 72 2.87 -0.52 8.41
C PHE A 72 1.53 -0.77 7.75
N HIS A 73 1.42 -0.59 6.44
CA HIS A 73 0.13 -0.85 5.79
C HIS A 73 -0.28 -2.29 5.99
N LEU A 74 -1.59 -2.50 6.05
CA LEU A 74 -2.14 -3.84 6.26
C LEU A 74 -1.83 -4.89 5.20
N ASP A 75 -1.69 -4.50 3.95
CA ASP A 75 -1.39 -5.49 2.92
C ASP A 75 0.08 -5.92 2.95
N HIS A 76 0.81 -5.46 3.97
CA HIS A 76 2.23 -5.82 4.13
C HIS A 76 2.53 -6.42 5.50
N CYS A 77 1.70 -6.12 6.50
CA CYS A 77 1.91 -6.66 7.84
C CYS A 77 0.61 -7.01 8.54
N GLY A 78 -0.49 -7.03 7.79
CA GLY A 78 -1.78 -7.36 8.37
C GLY A 78 -1.90 -8.75 8.95
N ALA A 79 -1.14 -9.70 8.41
CA ALA A 79 -1.19 -11.09 8.88
C ALA A 79 -0.06 -11.46 9.83
N LEU A 80 0.74 -10.48 10.24
CA LEU A 80 1.87 -10.78 11.12
C LEU A 80 1.48 -11.39 12.47
N PRO A 81 0.54 -10.77 13.23
CA PRO A 81 0.18 -11.35 14.52
C PRO A 81 -0.15 -12.83 14.40
N TRP A 82 -0.91 -13.17 13.36
CA TRP A 82 -1.29 -14.56 13.10
C TRP A 82 -0.05 -15.42 12.87
N PHE A 83 0.83 -14.94 11.99
CA PHE A 83 2.05 -15.68 11.67
C PHE A 83 2.96 -15.88 12.88
N LEU A 84 3.08 -14.84 13.70
CA LEU A 84 3.94 -14.89 14.88
C LEU A 84 3.38 -15.66 16.07
N GLN A 85 2.06 -15.65 16.25
CA GLN A 85 1.47 -16.33 17.39
C GLN A 85 0.63 -17.57 17.10
N LYS A 86 0.65 -18.06 15.85
CA LYS A 86 -0.15 -19.23 15.52
C LYS A 86 0.50 -20.22 14.55
N THR A 87 1.80 -20.09 14.34
CA THR A 87 2.51 -20.99 13.45
C THR A 87 3.80 -21.44 14.12
N SER A 88 4.50 -22.38 13.50
CA SER A 88 5.74 -22.89 14.05
C SER A 88 6.93 -21.97 13.81
N PHE A 89 6.66 -20.74 13.37
CA PHE A 89 7.72 -19.77 13.10
C PHE A 89 8.47 -19.40 14.37
N LYS A 90 9.78 -19.58 14.36
CA LYS A 90 10.60 -19.25 15.52
C LYS A 90 11.80 -18.42 15.09
N GLY A 91 11.62 -17.70 13.98
CA GLY A 91 12.69 -16.88 13.47
C GLY A 91 12.60 -15.45 13.99
N ARG A 92 13.48 -14.60 13.48
CA ARG A 92 13.49 -13.21 13.90
C ARG A 92 12.80 -12.29 12.90
N THR A 93 12.07 -11.32 13.46
CA THR A 93 11.32 -10.36 12.67
C THR A 93 11.83 -8.94 12.91
N PHE A 94 11.91 -8.15 11.83
CA PHE A 94 12.40 -6.77 11.95
C PHE A 94 11.54 -5.72 11.23
N MET A 95 11.43 -4.54 11.86
CA MET A 95 10.68 -3.40 11.32
C MET A 95 11.44 -2.16 11.73
N THR A 96 11.11 -1.02 11.14
CA THR A 96 11.74 0.23 11.55
C THR A 96 10.95 0.63 12.79
N HIS A 97 11.52 1.48 13.64
CA HIS A 97 10.83 1.90 14.86
C HIS A 97 9.41 2.40 14.59
N ALA A 98 9.29 3.43 13.76
CA ALA A 98 7.98 3.97 13.44
C ALA A 98 7.02 2.92 12.94
N THR A 99 7.49 2.02 12.08
CA THR A 99 6.62 0.98 11.55
C THR A 99 6.02 0.16 12.68
N LYS A 100 6.86 -0.26 13.62
CA LYS A 100 6.38 -1.07 14.75
C LYS A 100 5.37 -0.30 15.60
N ALA A 101 5.67 0.97 15.86
CA ALA A 101 4.77 1.81 16.65
C ALA A 101 3.37 1.80 16.06
N ILE A 102 3.25 2.31 14.83
CA ILE A 102 1.98 2.38 14.14
C ILE A 102 1.37 1.00 13.93
N TYR A 103 2.22 -0.03 13.97
CA TYR A 103 1.77 -1.40 13.79
C TYR A 103 0.71 -1.80 14.83
N ARG A 104 1.05 -1.69 16.10
CA ARG A 104 0.14 -2.03 17.18
C ARG A 104 -1.15 -1.22 17.14
N TRP A 105 -1.01 0.10 16.96
CA TRP A 105 -2.16 0.99 16.88
C TRP A 105 -3.07 0.64 15.70
N LEU A 106 -2.46 0.56 14.51
CA LEU A 106 -3.19 0.26 13.28
C LEU A 106 -3.84 -1.13 13.27
N LEU A 107 -3.06 -2.16 13.59
CA LEU A 107 -3.58 -3.52 13.60
C LEU A 107 -4.68 -3.70 14.64
N SER A 108 -4.58 -2.94 15.73
CA SER A 108 -5.57 -3.02 16.79
C SER A 108 -6.91 -2.55 16.25
N ASP A 109 -6.92 -1.33 15.71
CA ASP A 109 -8.13 -0.75 15.13
C ASP A 109 -8.69 -1.69 14.07
N TYR A 110 -7.80 -2.44 13.42
CA TYR A 110 -8.19 -3.39 12.39
C TYR A 110 -9.05 -4.47 13.03
N VAL A 111 -8.82 -4.71 14.32
CA VAL A 111 -9.56 -5.74 15.06
C VAL A 111 -10.99 -5.28 15.40
N LYS A 112 -11.82 -5.15 14.37
CA LYS A 112 -13.22 -4.75 14.55
C LYS A 112 -14.14 -5.94 14.31
N LEU A 122 -8.71 -14.33 12.36
CA LEU A 122 -7.27 -14.56 12.19
C LEU A 122 -6.53 -14.46 13.51
N TYR A 123 -6.81 -13.41 14.27
CA TYR A 123 -6.16 -13.20 15.56
C TYR A 123 -6.95 -12.23 16.40
N THR A 124 -6.50 -12.00 17.64
CA THR A 124 -7.20 -11.08 18.53
C THR A 124 -6.27 -10.07 19.16
N GLU A 125 -6.85 -9.07 19.83
CA GLU A 125 -6.11 -8.02 20.50
C GLU A 125 -5.00 -8.62 21.34
N THR A 126 -5.28 -9.77 21.95
CA THR A 126 -4.31 -10.46 22.80
C THR A 126 -3.08 -10.90 21.99
N ASP A 127 -3.32 -11.54 20.86
CA ASP A 127 -2.24 -12.02 20.00
C ASP A 127 -1.33 -10.88 19.54
N LEU A 128 -1.93 -9.75 19.17
CA LEU A 128 -1.17 -8.60 18.72
C LEU A 128 -0.18 -8.13 19.77
N GLU A 129 -0.69 -7.92 20.99
CA GLU A 129 0.14 -7.45 22.10
C GLU A 129 1.22 -8.46 22.44
N GLU A 130 0.95 -9.74 22.15
CA GLU A 130 1.89 -10.80 22.45
C GLU A 130 2.97 -10.94 21.37
N SER A 131 2.75 -10.33 20.22
CA SER A 131 3.72 -10.40 19.13
C SER A 131 4.72 -9.26 19.17
N MET A 132 4.32 -8.14 19.77
CA MET A 132 5.18 -6.98 19.86
C MET A 132 6.57 -7.35 20.37
N ASP A 133 6.60 -8.24 21.36
CA ASP A 133 7.86 -8.69 21.96
C ASP A 133 8.70 -9.48 20.97
N LYS A 134 8.05 -10.15 20.03
CA LYS A 134 8.74 -10.95 19.04
C LYS A 134 9.25 -10.15 17.84
N ILE A 135 8.99 -8.85 17.85
CA ILE A 135 9.41 -7.98 16.74
C ILE A 135 10.54 -7.03 17.10
N GLU A 136 11.69 -7.19 16.46
CA GLU A 136 12.82 -6.30 16.71
C GLU A 136 12.72 -5.11 15.77
N THR A 137 13.30 -3.99 16.17
CA THR A 137 13.28 -2.79 15.33
C THR A 137 14.67 -2.62 14.73
N ILE A 138 14.76 -1.73 13.75
CA ILE A 138 16.03 -1.47 13.10
C ILE A 138 16.03 -0.05 12.57
N ASN A 139 17.15 0.63 12.75
CA ASN A 139 17.29 2.00 12.30
C ASN A 139 17.68 1.98 10.83
N PHE A 140 17.48 3.11 10.16
CA PHE A 140 17.82 3.24 8.76
C PHE A 140 19.35 3.32 8.61
N HIS A 141 19.88 2.77 7.52
CA HIS A 141 21.32 2.82 7.26
C HIS A 141 22.17 2.16 8.35
N GLU A 142 21.63 1.09 8.93
CA GLU A 142 22.30 0.33 9.99
C GLU A 142 22.30 -1.16 9.62
N VAL A 143 23.48 -1.76 9.45
CA VAL A 143 23.57 -3.17 9.08
C VAL A 143 23.28 -4.11 10.27
N LYS A 144 22.41 -5.07 10.04
CA LYS A 144 22.04 -6.05 11.05
C LYS A 144 22.37 -7.42 10.45
N GLU A 145 22.71 -8.40 11.28
CA GLU A 145 23.04 -9.73 10.78
C GLU A 145 22.31 -10.83 11.52
N VAL A 146 21.72 -11.74 10.75
CA VAL A 146 20.98 -12.87 11.29
C VAL A 146 21.27 -14.08 10.42
N ALA A 147 21.70 -15.17 11.07
CA ALA A 147 21.99 -16.42 10.39
C ALA A 147 22.88 -16.30 9.16
N GLY A 148 23.83 -15.38 9.18
CA GLY A 148 24.71 -15.23 8.04
C GLY A 148 24.06 -14.35 6.96
N ILE A 149 22.95 -13.71 7.31
CA ILE A 149 22.27 -12.83 6.39
C ILE A 149 22.47 -11.40 6.85
N LYS A 150 23.11 -10.57 6.03
CA LYS A 150 23.28 -9.18 6.40
C LYS A 150 22.23 -8.35 5.69
N PHE A 151 21.59 -7.45 6.42
CA PHE A 151 20.58 -6.61 5.82
C PHE A 151 20.58 -5.22 6.41
N TRP A 152 20.05 -4.28 5.65
CA TRP A 152 19.94 -2.88 6.06
C TRP A 152 18.87 -2.22 5.21
N CYS A 153 18.34 -1.09 5.66
CA CYS A 153 17.29 -0.45 4.89
C CYS A 153 17.50 1.01 4.54
N TYR A 154 16.83 1.42 3.47
CA TYR A 154 16.89 2.78 2.95
C TYR A 154 15.49 3.36 3.10
N HIS A 155 15.38 4.68 3.02
CA HIS A 155 14.07 5.31 3.11
C HIS A 155 13.31 5.00 1.83
N ALA A 156 12.05 4.61 1.99
CA ALA A 156 11.19 4.25 0.87
C ALA A 156 10.21 5.35 0.45
N GLY A 157 10.15 6.43 1.22
CA GLY A 157 9.18 7.45 0.92
C GLY A 157 7.88 6.75 1.28
N HIS A 158 6.85 6.90 0.45
CA HIS A 158 5.55 6.26 0.65
C HIS A 158 4.79 6.64 1.93
N VAL A 159 5.25 6.15 3.08
CA VAL A 159 4.64 6.51 4.37
C VAL A 159 5.73 6.60 5.42
N LEU A 160 5.37 7.13 6.58
CA LEU A 160 6.33 7.30 7.67
C LEU A 160 6.91 5.94 8.07
N GLY A 161 8.24 5.88 8.13
CA GLY A 161 8.90 4.64 8.52
C GLY A 161 9.06 3.57 7.45
N ALA A 162 8.55 3.83 6.24
CA ALA A 162 8.64 2.85 5.15
C ALA A 162 10.09 2.61 4.75
N ALA A 163 10.43 1.32 4.60
CA ALA A 163 11.79 0.96 4.26
C ALA A 163 11.96 0.02 3.06
N MET A 164 13.11 0.15 2.41
CA MET A 164 13.49 -0.71 1.31
C MET A 164 14.69 -1.47 1.88
N PHE A 165 14.54 -2.78 2.05
CA PHE A 165 15.61 -3.61 2.59
C PHE A 165 16.57 -4.14 1.56
N MET A 166 17.86 -3.94 1.79
CA MET A 166 18.88 -4.49 0.92
C MET A 166 19.34 -5.70 1.72
N ILE A 167 19.45 -6.84 1.05
CA ILE A 167 19.86 -8.08 1.70
C ILE A 167 21.12 -8.63 1.04
N GLU A 168 22.05 -9.12 1.84
CA GLU A 168 23.29 -9.67 1.29
C GLU A 168 23.61 -11.02 1.89
N ILE A 169 23.85 -12.00 1.02
CA ILE A 169 24.19 -13.36 1.43
C ILE A 169 25.24 -13.90 0.50
N ALA A 170 26.41 -14.23 1.04
CA ALA A 170 27.50 -14.77 0.26
C ALA A 170 27.84 -13.86 -0.92
N GLY A 171 27.86 -12.56 -0.68
CA GLY A 171 28.20 -11.62 -1.74
C GLY A 171 27.09 -11.32 -2.73
N VAL A 172 25.98 -12.04 -2.68
CA VAL A 172 24.87 -11.78 -3.58
C VAL A 172 23.97 -10.75 -2.91
N LYS A 173 23.57 -9.71 -3.65
CA LYS A 173 22.73 -8.67 -3.05
C LYS A 173 21.38 -8.48 -3.71
N LEU A 174 20.36 -8.32 -2.88
CA LEU A 174 19.00 -8.13 -3.36
C LEU A 174 18.32 -6.94 -2.67
N LEU A 175 17.68 -6.10 -3.45
CA LEU A 175 16.97 -4.95 -2.90
C LEU A 175 15.47 -5.18 -3.07
N TYR A 176 14.73 -5.02 -1.98
CA TYR A 176 13.28 -5.16 -1.99
C TYR A 176 12.72 -3.80 -1.64
N THR A 177 12.01 -3.20 -2.60
CA THR A 177 11.44 -1.87 -2.40
C THR A 177 10.25 -1.80 -1.45
N GLY A 178 9.56 -2.92 -1.24
CA GLY A 178 8.34 -2.82 -0.44
C GLY A 178 7.55 -1.83 -1.29
N ASP A 179 6.80 -0.92 -0.65
CA ASP A 179 6.08 0.11 -1.41
C ASP A 179 6.95 1.36 -1.32
N PHE A 180 7.11 2.08 -2.43
CA PHE A 180 7.92 3.29 -2.42
C PHE A 180 7.45 4.38 -3.38
N SER A 181 7.90 5.60 -3.11
CA SER A 181 7.56 6.74 -3.95
C SER A 181 8.83 7.55 -4.15
N ARG A 182 8.87 8.30 -5.24
CA ARG A 182 10.03 9.11 -5.56
C ARG A 182 9.59 10.54 -5.79
N GLN A 183 8.43 10.90 -5.25
CA GLN A 183 7.89 12.25 -5.38
C GLN A 183 8.20 13.09 -4.15
N MET A 189 9.14 13.33 1.63
CA MET A 189 10.13 12.27 1.71
C MET A 189 10.14 11.39 0.45
N ALA A 190 11.25 11.42 -0.29
CA ALA A 190 11.39 10.63 -1.51
C ALA A 190 12.30 9.43 -1.26
N ALA A 191 12.06 8.34 -1.97
CA ALA A 191 12.88 7.15 -1.78
C ALA A 191 14.33 7.39 -2.18
N GLU A 192 15.25 6.83 -1.40
CA GLU A 192 16.66 6.95 -1.72
C GLU A 192 16.99 5.98 -2.83
N ILE A 193 17.95 6.34 -3.69
CA ILE A 193 18.39 5.41 -4.73
C ILE A 193 19.76 4.93 -4.24
N PRO A 194 19.84 3.67 -3.81
CA PRO A 194 21.10 3.11 -3.31
C PRO A 194 22.25 3.21 -4.30
N ASN A 195 23.44 3.58 -3.81
CA ASN A 195 24.63 3.63 -4.65
C ASN A 195 25.16 2.19 -4.73
N ILE A 196 24.80 1.39 -3.74
CA ILE A 196 25.20 -0.01 -3.73
C ILE A 196 24.25 -0.73 -4.71
N LYS A 197 24.84 -1.34 -5.74
CA LYS A 197 24.08 -2.01 -6.78
C LYS A 197 23.69 -3.43 -6.42
N PRO A 198 22.38 -3.73 -6.47
CA PRO A 198 21.97 -5.09 -6.13
C PRO A 198 22.01 -6.00 -7.36
N ASP A 199 22.15 -7.30 -7.12
CA ASP A 199 22.16 -8.27 -8.22
C ASP A 199 20.72 -8.52 -8.61
N ILE A 200 19.82 -8.39 -7.63
CA ILE A 200 18.41 -8.62 -7.82
C ILE A 200 17.55 -7.52 -7.21
N LEU A 201 16.52 -7.11 -7.93
CA LEU A 201 15.60 -6.09 -7.44
C LEU A 201 14.16 -6.61 -7.43
N ILE A 202 13.51 -6.57 -6.27
CA ILE A 202 12.10 -6.97 -6.19
C ILE A 202 11.42 -5.62 -5.99
N ILE A 203 10.58 -5.25 -6.95
CA ILE A 203 9.94 -3.94 -6.94
C ILE A 203 8.43 -3.98 -7.19
N GLU A 204 7.73 -3.05 -6.54
CA GLU A 204 6.28 -2.94 -6.67
C GLU A 204 5.90 -2.52 -8.09
N SER A 205 4.69 -2.92 -8.51
CA SER A 205 4.18 -2.64 -9.85
C SER A 205 2.81 -1.94 -9.80
N THR A 206 2.46 -1.37 -8.65
CA THR A 206 1.15 -0.75 -8.47
C THR A 206 0.59 0.07 -9.62
N TYR A 207 1.33 1.07 -10.07
CA TYR A 207 0.85 1.93 -11.15
C TYR A 207 1.19 1.50 -12.59
N GLY A 208 1.78 0.33 -12.76
CA GLY A 208 2.12 -0.13 -14.10
C GLY A 208 2.85 0.86 -14.99
N THR A 209 2.32 1.07 -16.20
CA THR A 209 2.93 2.01 -17.13
C THR A 209 2.25 3.37 -17.08
N HIS A 210 1.38 3.57 -16.10
CA HIS A 210 0.71 4.84 -15.95
C HIS A 210 1.71 5.94 -15.60
N ILE A 211 1.36 7.17 -15.92
CA ILE A 211 2.18 8.34 -15.63
C ILE A 211 1.33 9.28 -14.79
N HIS A 212 1.84 9.70 -13.65
CA HIS A 212 1.06 10.58 -12.79
C HIS A 212 0.97 12.02 -13.29
N GLU A 213 -0.25 12.57 -13.21
CA GLU A 213 -0.48 13.95 -13.64
C GLU A 213 0.26 14.89 -12.72
N LYS A 214 0.62 16.06 -13.23
CA LYS A 214 1.33 17.07 -12.44
C LYS A 214 0.67 17.25 -11.07
N ARG A 215 1.49 17.36 -10.02
CA ARG A 215 0.98 17.52 -8.67
C ARG A 215 0.05 18.72 -8.54
N GLU A 216 0.40 19.83 -9.17
CA GLU A 216 -0.41 21.04 -9.11
C GLU A 216 -1.74 20.85 -9.81
N GLU A 217 -1.74 20.15 -10.93
CA GLU A 217 -2.97 19.89 -11.66
C GLU A 217 -3.86 18.94 -10.88
N ARG A 218 -3.21 18.07 -10.11
CA ARG A 218 -3.92 17.08 -9.31
C ARG A 218 -4.64 17.74 -8.14
N GLU A 219 -3.94 18.64 -7.44
CA GLU A 219 -4.51 19.32 -6.30
C GLU A 219 -5.60 20.30 -6.74
N ALA A 220 -5.46 20.85 -7.94
CA ALA A 220 -6.44 21.77 -8.47
C ALA A 220 -7.72 21.02 -8.84
N ARG A 221 -7.58 19.86 -9.50
CA ARG A 221 -8.76 19.10 -9.88
C ARG A 221 -9.47 18.59 -8.62
N PHE A 222 -8.68 18.24 -7.61
CA PHE A 222 -9.21 17.77 -6.34
C PHE A 222 -10.05 18.89 -5.68
N CYS A 223 -9.48 20.09 -5.62
CA CYS A 223 -10.17 21.23 -5.03
C CYS A 223 -11.40 21.66 -5.84
N ASN A 224 -11.30 21.64 -7.17
CA ASN A 224 -12.44 22.03 -8.00
C ASN A 224 -13.56 21.00 -7.93
N THR A 225 -13.21 19.75 -7.69
CA THR A 225 -14.24 18.72 -7.60
C THR A 225 -14.99 18.86 -6.29
N VAL A 226 -14.27 19.10 -5.21
CA VAL A 226 -14.86 19.27 -3.89
C VAL A 226 -15.75 20.52 -3.92
N HIS A 227 -15.26 21.57 -4.57
CA HIS A 227 -16.00 22.82 -4.70
C HIS A 227 -17.32 22.58 -5.45
N ASP A 228 -17.25 21.90 -6.59
CA ASP A 228 -18.45 21.63 -7.36
C ASP A 228 -19.51 20.93 -6.54
N ILE A 229 -19.10 19.95 -5.74
CA ILE A 229 -20.03 19.18 -4.91
C ILE A 229 -20.75 20.06 -3.88
N VAL A 230 -20.01 20.84 -3.10
CA VAL A 230 -20.69 21.65 -2.11
C VAL A 230 -21.49 22.80 -2.70
N ASN A 231 -21.07 23.32 -3.85
CA ASN A 231 -21.73 24.43 -4.53
C ASN A 231 -23.15 24.04 -4.97
N ARG A 232 -23.33 22.79 -5.36
CA ARG A 232 -24.63 22.31 -5.79
C ARG A 232 -25.46 21.80 -4.61
N GLY A 233 -25.01 22.14 -3.39
CA GLY A 233 -25.72 21.73 -2.19
C GLY A 233 -25.36 20.32 -1.73
N GLY A 234 -24.28 19.78 -2.27
CA GLY A 234 -23.90 18.42 -1.93
C GLY A 234 -23.00 18.17 -0.72
N ARG A 235 -22.99 16.90 -0.32
CA ARG A 235 -22.18 16.40 0.77
C ARG A 235 -21.03 15.71 0.02
N GLY A 236 -19.79 16.08 0.33
CA GLY A 236 -18.65 15.47 -0.34
C GLY A 236 -17.84 14.55 0.57
N LEU A 237 -17.79 13.27 0.19
CA LEU A 237 -17.08 12.25 0.96
C LEU A 237 -15.66 11.99 0.43
N ILE A 238 -14.68 12.04 1.33
CA ILE A 238 -13.31 11.77 0.92
C ILE A 238 -12.71 10.65 1.78
N PRO A 239 -12.82 9.38 1.34
CA PRO A 239 -12.29 8.24 2.10
C PRO A 239 -10.77 8.31 2.12
N VAL A 240 -10.16 8.06 3.27
CA VAL A 240 -8.71 8.08 3.39
C VAL A 240 -8.29 7.14 4.49
N PHE A 241 -7.08 6.59 4.40
CA PHE A 241 -6.60 5.68 5.43
C PHE A 241 -5.79 6.43 6.49
N ALA A 242 -5.28 5.70 7.47
CA ALA A 242 -4.47 6.26 8.56
C ALA A 242 -3.87 7.61 8.17
N LEU A 243 -2.76 7.57 7.45
CA LEU A 243 -2.10 8.79 6.99
C LEU A 243 -1.22 8.47 5.80
N GLY A 244 -1.87 8.21 4.66
CA GLY A 244 -1.14 7.91 3.45
C GLY A 244 -1.19 9.14 2.58
N ARG A 245 -1.86 10.17 3.07
CA ARG A 245 -2.02 11.44 2.36
C ARG A 245 -3.07 12.31 3.05
N ALA A 246 -3.75 11.73 4.04
CA ALA A 246 -4.81 12.41 4.78
C ALA A 246 -4.46 13.85 5.19
N GLN A 247 -3.40 13.99 5.99
CA GLN A 247 -2.99 15.30 6.45
C GLN A 247 -2.63 16.24 5.30
N GLU A 248 -2.04 15.70 4.24
CA GLU A 248 -1.66 16.52 3.09
C GLU A 248 -2.88 17.10 2.38
N LEU A 249 -3.94 16.30 2.27
CA LEU A 249 -5.15 16.76 1.61
C LEU A 249 -5.86 17.83 2.44
N LEU A 250 -5.82 17.67 3.76
CA LEU A 250 -6.46 18.65 4.64
C LEU A 250 -5.79 20.00 4.46
N LEU A 251 -4.48 19.97 4.23
CA LEU A 251 -3.70 21.19 4.01
C LEU A 251 -4.11 21.87 2.72
N ILE A 252 -4.38 21.07 1.70
CA ILE A 252 -4.80 21.58 0.41
C ILE A 252 -6.18 22.22 0.47
N LEU A 253 -7.12 21.54 1.10
CA LEU A 253 -8.49 22.06 1.22
C LEU A 253 -8.57 23.33 2.05
N ASP A 254 -7.93 23.30 3.21
CA ASP A 254 -7.93 24.44 4.12
C ASP A 254 -7.44 25.69 3.40
N GLU A 255 -6.36 25.54 2.65
CA GLU A 255 -5.77 26.62 1.88
C GLU A 255 -6.76 27.13 0.85
N TYR A 256 -7.35 26.21 0.10
CA TYR A 256 -8.31 26.55 -0.93
C TYR A 256 -9.49 27.30 -0.31
N TRP A 257 -9.95 26.81 0.84
CA TRP A 257 -11.06 27.46 1.54
C TRP A 257 -10.66 28.88 1.94
N GLN A 258 -9.42 29.07 2.38
CA GLN A 258 -8.97 30.40 2.77
C GLN A 258 -9.07 31.37 1.60
N ASN A 259 -8.70 30.90 0.41
CA ASN A 259 -8.75 31.73 -0.80
C ASN A 259 -10.14 31.90 -1.40
N HIS A 260 -11.12 31.18 -0.86
CA HIS A 260 -12.49 31.31 -1.37
C HIS A 260 -13.47 31.60 -0.24
N PRO A 261 -13.58 32.88 0.15
CA PRO A 261 -14.48 33.33 1.23
C PRO A 261 -15.91 32.84 1.06
N GLU A 262 -16.34 32.60 -0.18
CA GLU A 262 -17.69 32.13 -0.41
C GLU A 262 -17.94 30.72 0.15
N LEU A 263 -16.90 30.05 0.65
CA LEU A 263 -17.04 28.71 1.21
C LEU A 263 -16.83 28.66 2.72
N HIS A 264 -16.54 29.80 3.33
CA HIS A 264 -16.29 29.84 4.77
C HIS A 264 -17.40 29.26 5.66
N ASP A 265 -18.64 29.28 5.18
CA ASP A 265 -19.75 28.73 5.97
C ASP A 265 -19.95 27.22 5.73
N ILE A 266 -19.18 26.64 4.83
CA ILE A 266 -19.31 25.21 4.55
C ILE A 266 -18.25 24.47 5.35
N PRO A 267 -18.69 23.63 6.30
CA PRO A 267 -17.75 22.88 7.13
C PRO A 267 -16.98 21.76 6.44
N ILE A 268 -15.82 21.44 7.00
CA ILE A 268 -14.99 20.36 6.51
C ILE A 268 -14.65 19.56 7.76
N TYR A 269 -15.09 18.30 7.82
CA TYR A 269 -14.80 17.48 8.97
C TYR A 269 -13.78 16.38 8.66
N TYR A 270 -12.98 16.04 9.66
CA TYR A 270 -11.98 14.99 9.52
C TYR A 270 -12.20 13.97 10.63
N ALA A 271 -12.51 12.74 10.23
CA ALA A 271 -12.74 11.66 11.18
C ALA A 271 -11.78 10.52 10.93
N PHE A 305 -5.71 23.64 11.74
CA PHE A 305 -6.31 24.25 10.56
C PHE A 305 -7.32 25.32 10.93
N LYS A 306 -7.66 26.18 9.98
CA LYS A 306 -8.62 27.26 10.22
C LYS A 306 -10.01 26.97 9.69
N HIS A 307 -10.14 25.98 8.82
CA HIS A 307 -11.44 25.66 8.24
C HIS A 307 -11.87 24.20 8.42
N ILE A 308 -11.02 23.41 9.07
CA ILE A 308 -11.30 21.99 9.28
C ILE A 308 -11.47 21.65 10.75
N SER A 309 -12.59 20.99 11.09
CA SER A 309 -12.83 20.59 12.47
C SER A 309 -12.76 19.07 12.55
N ASN A 310 -12.39 18.56 13.72
CA ASN A 310 -12.28 17.12 13.90
C ASN A 310 -13.62 16.49 14.28
N LEU A 311 -13.90 15.34 13.69
CA LEU A 311 -15.13 14.61 13.96
C LEU A 311 -14.76 13.33 14.69
N LYS A 312 -15.64 12.85 15.55
CA LYS A 312 -15.38 11.63 16.30
C LYS A 312 -16.18 10.43 15.81
N SER A 313 -17.48 10.64 15.59
CA SER A 313 -18.34 9.56 15.11
C SER A 313 -19.54 10.10 14.34
N MET A 314 -20.26 9.20 13.69
CA MET A 314 -21.44 9.57 12.92
C MET A 314 -22.54 9.94 13.91
N ASP A 315 -22.23 9.76 15.20
CA ASP A 315 -23.16 10.06 16.28
C ASP A 315 -22.68 11.34 16.98
N HIS A 316 -21.52 11.83 16.57
CA HIS A 316 -20.92 13.02 17.15
C HIS A 316 -20.86 14.21 16.21
N PHE A 317 -21.60 14.13 15.11
CA PHE A 317 -21.60 15.23 14.16
C PHE A 317 -22.98 15.36 13.51
N ASP A 318 -23.37 16.60 13.22
CA ASP A 318 -24.65 16.83 12.58
C ASP A 318 -24.44 16.82 11.07
N ASP A 319 -25.14 15.91 10.40
CA ASP A 319 -25.01 15.78 8.96
C ASP A 319 -26.00 16.73 8.31
N ILE A 320 -25.58 17.98 8.16
CA ILE A 320 -26.40 19.06 7.61
C ILE A 320 -25.90 19.56 6.25
N GLY A 321 -26.72 20.41 5.61
CA GLY A 321 -26.44 21.05 4.32
C GLY A 321 -25.21 20.60 3.57
N PRO A 322 -24.53 21.50 2.85
CA PRO A 322 -23.34 21.02 2.14
C PRO A 322 -22.23 20.88 3.16
N SER A 323 -21.28 19.99 2.89
CA SER A 323 -20.16 19.80 3.76
C SER A 323 -19.17 18.86 3.10
N VAL A 324 -18.01 18.74 3.72
CA VAL A 324 -16.99 17.84 3.22
C VAL A 324 -16.62 16.98 4.42
N VAL A 325 -16.59 15.67 4.24
CA VAL A 325 -16.19 14.80 5.33
C VAL A 325 -15.11 13.85 4.85
N MET A 326 -13.97 13.90 5.51
CA MET A 326 -12.84 13.04 5.20
C MET A 326 -12.83 12.01 6.31
N ALA A 327 -13.05 10.75 5.94
CA ALA A 327 -13.09 9.68 6.92
C ALA A 327 -12.45 8.40 6.38
N SER A 328 -12.08 7.52 7.30
CA SER A 328 -11.47 6.26 6.94
C SER A 328 -12.53 5.19 7.20
N PRO A 329 -12.32 3.95 6.70
CA PRO A 329 -11.17 3.47 5.92
C PRO A 329 -11.17 4.04 4.50
N GLY A 330 -9.99 4.12 3.90
CA GLY A 330 -9.86 4.64 2.55
C GLY A 330 -10.57 3.83 1.49
N MET A 331 -10.62 2.50 1.67
CA MET A 331 -11.27 1.66 0.68
C MET A 331 -12.74 1.36 0.95
N MET A 332 -13.28 2.02 1.98
CA MET A 332 -14.69 1.91 2.34
C MET A 332 -15.29 0.52 2.59
N GLN A 333 -14.52 -0.39 3.18
CA GLN A 333 -15.04 -1.73 3.44
C GLN A 333 -16.04 -1.70 4.60
N SER A 334 -15.75 -0.87 5.58
CA SER A 334 -16.59 -0.73 6.76
C SER A 334 -16.35 0.65 7.37
N GLY A 335 -16.72 0.80 8.64
CA GLY A 335 -16.50 2.07 9.32
C GLY A 335 -17.33 3.26 8.90
N LEU A 336 -16.86 4.44 9.26
CA LEU A 336 -17.54 5.69 8.98
C LEU A 336 -17.61 6.04 7.50
N SER A 337 -16.52 5.85 6.77
CA SER A 337 -16.54 6.18 5.35
C SER A 337 -17.67 5.42 4.65
N ARG A 338 -17.86 4.17 5.04
CA ARG A 338 -18.89 3.34 4.44
C ARG A 338 -20.30 3.73 4.90
N GLU A 339 -20.44 4.08 6.17
CA GLU A 339 -21.74 4.50 6.69
C GLU A 339 -22.19 5.77 5.98
N LEU A 340 -21.26 6.71 5.86
CA LEU A 340 -21.56 7.99 5.19
C LEU A 340 -21.95 7.72 3.75
N PHE A 341 -21.15 6.91 3.06
CA PHE A 341 -21.44 6.56 1.67
C PHE A 341 -22.86 6.00 1.55
N GLU A 342 -23.23 5.10 2.44
CA GLU A 342 -24.56 4.49 2.41
C GLU A 342 -25.67 5.49 2.69
N SER A 343 -25.35 6.54 3.44
CA SER A 343 -26.34 7.56 3.76
C SER A 343 -26.41 8.63 2.68
N TRP A 344 -25.38 8.75 1.86
CA TRP A 344 -25.36 9.80 0.83
C TRP A 344 -25.44 9.37 -0.62
N CYS A 345 -25.26 8.08 -0.89
CA CYS A 345 -25.23 7.58 -2.26
C CYS A 345 -26.44 7.77 -3.15
N THR A 346 -27.62 7.92 -2.55
CA THR A 346 -28.83 8.08 -3.36
C THR A 346 -29.12 9.50 -3.86
N ASP A 347 -28.37 10.49 -3.38
CA ASP A 347 -28.58 11.88 -3.80
C ASP A 347 -27.51 12.36 -4.78
N LYS A 348 -27.94 12.71 -6.00
CA LYS A 348 -27.01 13.17 -7.03
C LYS A 348 -26.23 14.45 -6.68
N ARG A 349 -26.69 15.18 -5.67
CA ARG A 349 -26.01 16.40 -5.26
C ARG A 349 -24.70 16.05 -4.53
N ASN A 350 -24.69 14.87 -3.91
CA ASN A 350 -23.53 14.40 -3.15
C ASN A 350 -22.46 13.87 -4.08
N GLY A 351 -21.29 13.56 -3.53
CA GLY A 351 -20.20 13.03 -4.32
C GLY A 351 -19.09 12.45 -3.46
N VAL A 352 -18.37 11.49 -4.01
CA VAL A 352 -17.26 10.87 -3.31
C VAL A 352 -16.02 11.00 -4.19
N ILE A 353 -14.89 11.26 -3.54
CA ILE A 353 -13.62 11.41 -4.24
C ILE A 353 -12.63 10.38 -3.68
N ILE A 354 -12.33 9.33 -4.46
CA ILE A 354 -11.39 8.30 -4.02
C ILE A 354 -10.00 8.90 -4.25
N ALA A 355 -9.23 9.05 -3.17
CA ALA A 355 -7.91 9.66 -3.27
C ALA A 355 -6.74 8.70 -3.16
N GLY A 356 -7.01 7.40 -3.21
CA GLY A 356 -5.95 6.42 -3.11
C GLY A 356 -6.17 5.21 -4.00
N TYR A 357 -5.15 4.35 -4.09
CA TYR A 357 -5.25 3.15 -4.91
C TYR A 357 -6.22 2.18 -4.24
N CYS A 358 -7.12 1.59 -5.01
CA CYS A 358 -8.08 0.66 -4.43
C CYS A 358 -7.98 -0.74 -4.99
N VAL A 359 -7.75 -1.69 -4.10
CA VAL A 359 -7.58 -3.09 -4.45
C VAL A 359 -8.90 -3.75 -4.84
N GLU A 360 -8.80 -4.74 -5.72
CA GLU A 360 -9.96 -5.50 -6.19
C GLU A 360 -10.68 -6.10 -4.99
N GLY A 361 -12.00 -6.22 -5.09
CA GLY A 361 -12.77 -6.80 -4.01
C GLY A 361 -13.30 -5.82 -2.98
N THR A 362 -12.86 -4.56 -3.06
CA THR A 362 -13.32 -3.55 -2.13
C THR A 362 -14.47 -2.74 -2.72
N LEU A 363 -15.22 -2.07 -1.86
CA LEU A 363 -16.36 -1.25 -2.29
C LEU A 363 -15.89 -0.05 -3.12
N ALA A 364 -14.83 0.61 -2.67
CA ALA A 364 -14.31 1.76 -3.39
C ALA A 364 -13.95 1.39 -4.83
N LYS A 365 -13.34 0.22 -5.00
CA LYS A 365 -12.95 -0.22 -6.34
C LYS A 365 -14.20 -0.48 -7.18
N HIS A 366 -15.18 -1.18 -6.59
CA HIS A 366 -16.43 -1.49 -7.27
C HIS A 366 -17.18 -0.22 -7.69
N ILE A 367 -17.19 0.78 -6.81
CA ILE A 367 -17.87 2.05 -7.06
C ILE A 367 -17.35 2.75 -8.32
N MET A 368 -16.07 2.58 -8.59
CA MET A 368 -15.48 3.20 -9.77
C MET A 368 -15.98 2.61 -11.07
N SER A 369 -16.55 1.41 -11.01
CA SER A 369 -17.09 0.75 -12.21
C SER A 369 -18.45 1.36 -12.54
N GLU A 370 -18.86 2.32 -11.73
CA GLU A 370 -20.13 3.01 -11.91
C GLU A 370 -21.34 2.08 -12.00
N PRO A 371 -21.58 1.30 -10.93
CA PRO A 371 -22.71 0.37 -10.90
C PRO A 371 -24.03 1.13 -10.71
N GLU A 372 -25.11 0.54 -11.18
CA GLU A 372 -26.43 1.14 -11.09
C GLU A 372 -26.88 1.24 -9.63
N GLU A 373 -26.54 0.22 -8.85
CA GLU A 373 -26.92 0.16 -7.44
C GLU A 373 -25.74 -0.39 -6.64
N ILE A 374 -25.79 -0.22 -5.33
CA ILE A 374 -24.76 -0.71 -4.44
C ILE A 374 -25.40 -1.59 -3.37
N THR A 375 -24.56 -2.34 -2.66
CA THR A 375 -25.04 -3.24 -1.62
C THR A 375 -24.76 -2.72 -0.22
N THR A 376 -25.84 -2.41 0.49
CA THR A 376 -25.73 -1.94 1.86
C THR A 376 -25.17 -3.08 2.71
N MET A 377 -24.42 -2.73 3.74
CA MET A 377 -23.84 -3.74 4.63
C MET A 377 -24.95 -4.64 5.17
N SER A 378 -26.15 -4.07 5.30
CA SER A 378 -27.29 -4.82 5.80
C SER A 378 -27.96 -5.62 4.69
N GLY A 379 -27.43 -5.52 3.48
CA GLY A 379 -27.99 -6.27 2.37
C GLY A 379 -28.97 -5.49 1.51
N GLN A 380 -29.30 -4.27 1.92
CA GLN A 380 -30.24 -3.45 1.17
C GLN A 380 -29.64 -2.97 -0.15
N LYS A 381 -30.50 -2.75 -1.13
CA LYS A 381 -30.08 -2.29 -2.44
C LYS A 381 -30.37 -0.80 -2.55
N LEU A 382 -29.34 0.00 -2.86
CA LEU A 382 -29.52 1.44 -3.01
C LEU A 382 -28.99 1.90 -4.35
N PRO A 383 -29.70 2.83 -5.00
CA PRO A 383 -29.23 3.31 -6.30
C PRO A 383 -28.04 4.24 -6.09
N LEU A 384 -27.04 4.14 -6.95
CA LEU A 384 -25.86 4.99 -6.86
C LEU A 384 -26.08 6.23 -7.70
N LYS A 385 -26.43 7.35 -7.07
CA LYS A 385 -26.69 8.62 -7.76
C LYS A 385 -25.61 9.68 -7.50
N MET A 386 -24.91 9.56 -6.39
CA MET A 386 -23.88 10.54 -6.07
C MET A 386 -22.77 10.39 -7.10
N SER A 387 -22.08 11.48 -7.41
CA SER A 387 -21.00 11.41 -8.39
C SER A 387 -19.82 10.66 -7.77
N VAL A 388 -18.96 10.13 -8.63
CA VAL A 388 -17.80 9.38 -8.19
C VAL A 388 -16.58 9.85 -8.96
N ASP A 389 -15.57 10.32 -8.25
CA ASP A 389 -14.34 10.77 -8.88
C ASP A 389 -13.13 10.12 -8.25
N TYR A 390 -12.09 9.97 -9.06
CA TYR A 390 -10.84 9.34 -8.67
C TYR A 390 -9.66 10.26 -8.97
N ILE A 391 -8.94 10.64 -7.93
CA ILE A 391 -7.78 11.50 -8.06
C ILE A 391 -6.69 10.89 -7.19
N SER A 392 -5.65 10.38 -7.83
CA SER A 392 -4.54 9.71 -7.15
C SER A 392 -3.70 10.53 -6.18
N PHE A 393 -3.42 9.96 -5.02
CA PHE A 393 -2.59 10.59 -3.99
C PHE A 393 -1.99 9.47 -3.13
N SER A 394 -2.08 8.24 -3.61
CA SER A 394 -1.58 7.08 -2.86
C SER A 394 -0.07 6.95 -2.64
N ALA A 395 0.72 7.78 -3.30
CA ALA A 395 2.17 7.75 -3.10
C ALA A 395 2.93 6.48 -3.51
N HIS A 396 2.86 6.15 -4.79
CA HIS A 396 3.59 5.02 -5.34
C HIS A 396 4.30 5.65 -6.52
N THR A 397 5.35 5.00 -7.01
CA THR A 397 6.09 5.51 -8.15
C THR A 397 5.26 5.25 -9.40
N ASP A 398 5.39 6.10 -10.40
CA ASP A 398 4.70 5.87 -11.66
C ASP A 398 5.76 5.28 -12.59
N TYR A 399 5.43 5.06 -13.86
CA TYR A 399 6.39 4.44 -14.76
C TYR A 399 7.73 5.16 -14.94
N GLN A 400 7.71 6.48 -15.10
CA GLN A 400 8.97 7.20 -15.29
C GLN A 400 9.86 7.01 -14.08
N GLN A 401 9.28 7.11 -12.89
CA GLN A 401 10.03 6.95 -11.66
C GLN A 401 10.56 5.54 -11.47
N THR A 402 9.74 4.52 -11.75
CA THR A 402 10.18 3.14 -11.64
C THR A 402 11.32 2.90 -12.65
N SER A 403 11.09 3.31 -13.90
CA SER A 403 12.05 3.18 -14.99
C SER A 403 13.41 3.81 -14.66
N GLU A 404 13.38 5.02 -14.12
CA GLU A 404 14.59 5.74 -13.75
C GLU A 404 15.31 5.02 -12.59
N PHE A 405 14.52 4.50 -11.66
CA PHE A 405 15.06 3.79 -10.51
C PHE A 405 15.82 2.55 -11.02
N ILE A 406 15.16 1.78 -11.87
CA ILE A 406 15.77 0.57 -12.44
C ILE A 406 16.98 0.91 -13.29
N ARG A 407 16.93 2.03 -14.00
CA ARG A 407 18.05 2.46 -14.85
C ARG A 407 19.27 2.88 -14.02
N ALA A 408 19.02 3.44 -12.84
CA ALA A 408 20.12 3.86 -11.97
C ALA A 408 20.83 2.64 -11.38
N LEU A 409 20.08 1.59 -11.06
CA LEU A 409 20.64 0.41 -10.45
C LEU A 409 21.04 -0.70 -11.41
N LYS A 410 20.36 -0.76 -12.54
CA LYS A 410 20.57 -1.77 -13.56
C LYS A 410 20.77 -3.19 -13.00
N PRO A 411 19.78 -3.70 -12.26
CA PRO A 411 19.88 -5.05 -11.70
C PRO A 411 19.70 -6.07 -12.83
N PRO A 412 20.59 -7.06 -12.94
CA PRO A 412 20.46 -8.07 -14.00
C PRO A 412 19.12 -8.79 -13.94
N HIS A 413 18.55 -8.84 -12.73
CA HIS A 413 17.25 -9.48 -12.54
C HIS A 413 16.29 -8.60 -11.76
N VAL A 414 15.13 -8.38 -12.36
CA VAL A 414 14.09 -7.56 -11.73
C VAL A 414 12.85 -8.44 -11.56
N ILE A 415 12.34 -8.50 -10.34
CA ILE A 415 11.14 -9.29 -10.07
C ILE A 415 10.01 -8.35 -9.66
N LEU A 416 8.95 -8.36 -10.46
CA LEU A 416 7.78 -7.53 -10.22
C LEU A 416 6.79 -8.22 -9.30
N VAL A 417 6.26 -7.45 -8.35
CA VAL A 417 5.25 -7.93 -7.42
C VAL A 417 4.35 -6.72 -7.14
N HIS A 418 3.28 -6.94 -6.39
CA HIS A 418 2.39 -5.86 -5.98
C HIS A 418 1.87 -4.98 -7.12
N GLY A 419 1.11 -5.61 -8.01
CA GLY A 419 0.51 -4.94 -9.14
C GLY A 419 -0.56 -5.83 -9.75
N GLU A 420 -1.65 -5.25 -10.24
CA GLU A 420 -2.71 -6.03 -10.86
C GLU A 420 -2.08 -6.77 -12.02
N GLN A 421 -2.52 -8.00 -12.26
CA GLN A 421 -1.96 -8.83 -13.34
C GLN A 421 -1.71 -8.07 -14.63
N ASN A 422 -2.74 -7.44 -15.18
CA ASN A 422 -2.61 -6.72 -16.43
C ASN A 422 -1.65 -5.53 -16.33
N GLU A 423 -1.74 -4.78 -15.23
CA GLU A 423 -0.85 -3.63 -15.05
C GLU A 423 0.60 -4.13 -15.01
N MET A 424 0.82 -5.21 -14.30
CA MET A 424 2.16 -5.77 -14.17
C MET A 424 2.70 -6.30 -15.49
N ALA A 425 1.82 -6.86 -16.33
CA ALA A 425 2.27 -7.38 -17.63
C ALA A 425 2.76 -6.27 -18.55
N ARG A 426 2.06 -5.14 -18.56
CA ARG A 426 2.51 -4.02 -19.39
C ARG A 426 3.82 -3.45 -18.87
N LEU A 427 3.98 -3.38 -17.55
CA LEU A 427 5.22 -2.87 -16.96
C LEU A 427 6.36 -3.77 -17.41
N LYS A 428 6.18 -5.08 -17.26
CA LYS A 428 7.19 -6.04 -17.67
C LYS A 428 7.59 -5.80 -19.13
N ALA A 429 6.59 -5.79 -20.02
CA ALA A 429 6.84 -5.58 -21.45
C ALA A 429 7.56 -4.28 -21.74
N ALA A 430 7.11 -3.20 -21.09
CA ALA A 430 7.74 -1.90 -21.31
C ALA A 430 9.19 -1.90 -20.83
N LEU A 431 9.46 -2.59 -19.73
CA LEU A 431 10.82 -2.66 -19.22
C LEU A 431 11.67 -3.53 -20.15
N ILE A 432 11.12 -4.66 -20.59
CA ILE A 432 11.84 -5.54 -21.51
C ILE A 432 12.17 -4.75 -22.78
N ARG A 433 11.20 -3.96 -23.24
CA ARG A 433 11.39 -3.15 -24.43
C ARG A 433 12.55 -2.15 -24.27
N GLU A 434 12.65 -1.57 -23.08
CA GLU A 434 13.70 -0.58 -22.78
C GLU A 434 15.15 -1.06 -22.90
N TYR A 435 15.39 -2.33 -22.59
CA TYR A 435 16.74 -2.86 -22.65
C TYR A 435 16.90 -3.89 -23.75
N GLU A 436 15.82 -4.12 -24.48
CA GLU A 436 15.79 -5.06 -25.59
C GLU A 436 16.60 -4.51 -26.75
N ASP A 437 16.94 -3.23 -26.67
CA ASP A 437 17.71 -2.58 -27.72
C ASP A 437 19.22 -2.66 -27.51
N ASN A 438 19.70 -2.15 -26.38
CA ASN A 438 21.13 -2.16 -26.08
C ASN A 438 21.60 -3.54 -25.64
N ASP A 439 22.69 -4.02 -26.25
CA ASP A 439 23.25 -5.32 -25.95
C ASP A 439 24.34 -5.32 -24.88
N GLU A 440 24.56 -4.18 -24.23
CA GLU A 440 25.58 -4.10 -23.19
C GLU A 440 24.96 -4.09 -21.80
N VAL A 441 23.63 -4.13 -21.75
CA VAL A 441 22.91 -4.15 -20.48
C VAL A 441 21.83 -5.21 -20.57
N HIS A 442 22.08 -6.34 -19.91
CA HIS A 442 21.14 -7.46 -19.93
C HIS A 442 20.32 -7.49 -18.65
N ILE A 443 19.01 -7.32 -18.78
CA ILE A 443 18.11 -7.33 -17.64
C ILE A 443 16.91 -8.21 -17.92
N GLU A 444 16.71 -9.22 -17.08
CA GLU A 444 15.56 -10.10 -17.23
C GLU A 444 14.51 -9.66 -16.22
N VAL A 445 13.28 -9.50 -16.71
CA VAL A 445 12.17 -9.08 -15.86
C VAL A 445 11.23 -10.26 -15.64
N HIS A 446 10.90 -10.52 -14.39
CA HIS A 446 10.02 -11.64 -14.05
C HIS A 446 8.73 -11.15 -13.38
N ASN A 447 7.61 -11.80 -13.70
CA ASN A 447 6.33 -11.46 -13.07
C ASN A 447 5.62 -12.74 -12.59
N PRO A 448 6.20 -13.41 -11.59
CA PRO A 448 5.66 -14.66 -11.02
C PRO A 448 4.30 -14.54 -10.34
N ARG A 449 3.45 -15.54 -10.58
CA ARG A 449 2.13 -15.58 -9.98
C ARG A 449 2.33 -16.12 -8.57
N ASN A 450 1.31 -16.03 -7.71
CA ASN A 450 1.47 -16.55 -6.36
C ASN A 450 1.84 -18.02 -6.50
N THR A 451 2.76 -18.49 -5.67
CA THR A 451 3.22 -19.88 -5.66
C THR A 451 4.31 -20.17 -6.67
N GLU A 452 4.38 -19.38 -7.73
CA GLU A 452 5.40 -19.60 -8.75
C GLU A 452 6.77 -19.13 -8.26
N ALA A 453 7.81 -19.91 -8.57
CA ALA A 453 9.15 -19.56 -8.15
C ALA A 453 10.02 -19.08 -9.30
N VAL A 454 10.98 -18.22 -8.97
CA VAL A 454 11.92 -17.69 -9.96
C VAL A 454 13.24 -18.30 -9.49
N THR A 455 14.01 -18.86 -10.43
CA THR A 455 15.26 -19.49 -10.07
C THR A 455 16.47 -18.83 -10.73
N LEU A 456 17.47 -18.51 -9.90
CA LEU A 456 18.68 -17.85 -10.37
C LEU A 456 19.92 -18.57 -9.87
N ASN A 457 20.94 -18.65 -10.72
CA ASN A 457 22.19 -19.30 -10.35
C ASN A 457 23.31 -18.27 -10.27
N PHE A 458 24.08 -18.31 -9.18
CA PHE A 458 25.17 -17.36 -9.01
C PHE A 458 26.53 -18.02 -8.84
N ARG A 459 27.57 -17.34 -9.33
CA ARG A 459 28.95 -17.82 -9.24
C ARG A 459 29.13 -19.12 -10.02
ZN ZN B . 0.99 -2.03 -0.56
ZN ZN C . 1.66 0.81 1.15
S SO4 D . -1.01 0.71 -0.92
O1 SO4 D . -1.73 1.47 -1.98
O2 SO4 D . 0.03 1.57 -0.33
O3 SO4 D . -0.41 -0.51 -1.49
O4 SO4 D . -1.99 0.34 0.13
#